data_4KWK
#
_entry.id   4KWK
#
_cell.length_a   57.750
_cell.length_b   57.750
_cell.length_c   122.670
_cell.angle_alpha   90.00
_cell.angle_beta   90.00
_cell.angle_gamma   90.00
#
_symmetry.space_group_name_H-M   'P 43 21 2'
#
loop_
_entity.id
_entity.type
_entity.pdbx_description
1 polymer 'Cysteine dioxygenase type 1'
2 non-polymer 'FE (II) ION'
3 non-polymer S-MERCAPTOCYSTEINE
4 water water
#
_entity_poly.entity_id   1
_entity_poly.type   'polypeptide(L)'
_entity_poly.pdbx_seq_one_letter_code
;MERTELLKPRTLADLIRILHELFAGDEVNVEEVQAVLEAYESNPAEWALYAKFDQYRYTRNLVDQGNGKFNLMILCWGEG
HGSSIHDHTDSHCFLKLLQGNLKETLFDWPDKKSNEMIKKSERTLRENQCAYINDSIGLHRVENVSHTEPAVSLHLYSPP
FDTCHAFDQRTGHKNKVTMTFHSKFGIRTPFTTSGSLENN
;
_entity_poly.pdbx_strand_id   A
#
loop_
_chem_comp.id
_chem_comp.type
_chem_comp.name
_chem_comp.formula
FE2 non-polymer 'FE (II) ION' 'Fe 2'
#
# COMPACT_ATOMS: atom_id res chain seq x y z
N THR A 4 -1.29 3.02 23.30
CA THR A 4 -1.39 1.76 24.12
C THR A 4 -2.78 1.10 24.00
N GLU A 5 -3.84 1.86 24.26
CA GLU A 5 -5.21 1.35 24.23
C GLU A 5 -5.84 1.57 22.85
N LEU A 6 -5.92 0.50 22.06
CA LEU A 6 -6.39 0.61 20.69
C LEU A 6 -7.91 0.56 20.64
N LEU A 7 -8.52 1.60 20.09
CA LEU A 7 -9.98 1.65 19.92
C LEU A 7 -10.35 1.57 18.43
N LYS A 8 -11.57 1.12 18.15
CA LYS A 8 -12.02 0.99 16.77
C LYS A 8 -12.10 2.40 16.14
N PRO A 9 -11.41 2.61 15.02
CA PRO A 9 -11.61 3.90 14.34
C PRO A 9 -13.04 4.00 13.87
N ARG A 10 -13.69 5.10 14.19
CA ARG A 10 -15.08 5.34 13.81
C ARG A 10 -15.21 5.82 12.38
N THR A 11 -14.22 6.56 11.91
CA THR A 11 -14.21 7.15 10.56
C THR A 11 -12.78 7.19 10.05
N LEU A 12 -12.58 7.54 8.78
CA LEU A 12 -11.24 7.72 8.24
C LEU A 12 -10.49 8.80 9.04
N ALA A 13 -11.17 9.90 9.35
CA ALA A 13 -10.54 10.96 10.15
C ALA A 13 -10.05 10.44 11.52
N ASP A 14 -10.89 9.66 12.17
CA ASP A 14 -10.57 9.03 13.45
C ASP A 14 -9.39 8.07 13.33
N LEU A 15 -9.40 7.21 12.29
CA LEU A 15 -8.23 6.40 11.98
C LEU A 15 -6.93 7.22 11.88
N ILE A 16 -6.98 8.35 11.19
CA ILE A 16 -5.80 9.17 10.96
C ILE A 16 -5.27 9.69 12.31
N ARG A 17 -6.20 10.18 13.15
CA ARG A 17 -5.85 10.64 14.51
C ARG A 17 -5.19 9.51 15.33
N ILE A 18 -5.76 8.31 15.28
CA ILE A 18 -5.18 7.15 15.99
C ILE A 18 -3.77 6.79 15.50
N LEU A 19 -3.59 6.84 14.17
CA LEU A 19 -2.30 6.62 13.52
C LEU A 19 -1.28 7.65 13.96
N HIS A 20 -1.67 8.91 14.10
N HIS A 20 -1.69 8.91 14.12
CA HIS A 20 -0.70 9.89 14.62
CA HIS A 20 -0.77 9.92 14.62
C HIS A 20 -0.26 9.49 16.01
C HIS A 20 -0.31 9.60 16.03
N GLU A 21 -1.18 9.00 16.83
CA GLU A 21 -0.81 8.51 18.18
C GLU A 21 0.16 7.30 18.12
N LEU A 22 -0.12 6.36 17.22
CA LEU A 22 0.70 5.15 17.11
C LEU A 22 2.10 5.41 16.58
N PHE A 23 2.24 6.47 15.78
CA PHE A 23 3.54 6.84 15.26
C PHE A 23 4.18 8.04 15.97
N ALA A 24 3.71 8.35 17.18
CA ALA A 24 4.29 9.47 17.96
C ALA A 24 5.77 9.22 18.37
N GLY A 25 6.13 7.95 18.54
CA GLY A 25 7.48 7.55 18.94
C GLY A 25 8.37 7.21 17.76
N ASP A 26 9.47 6.54 18.05
CA ASP A 26 10.50 6.24 17.05
C ASP A 26 10.41 4.84 16.50
N GLU A 27 9.63 3.99 17.15
CA GLU A 27 9.44 2.62 16.69
C GLU A 27 7.96 2.41 16.26
N VAL A 28 7.66 1.21 15.79
CA VAL A 28 6.35 0.90 15.21
C VAL A 28 5.92 -0.47 15.73
N ASN A 29 4.74 -0.53 16.35
CA ASN A 29 4.14 -1.79 16.69
C ASN A 29 3.30 -2.25 15.50
N VAL A 30 3.86 -3.18 14.72
CA VAL A 30 3.29 -3.57 13.44
C VAL A 30 1.92 -4.19 13.62
N GLU A 31 1.81 -5.08 14.62
CA GLU A 31 0.57 -5.80 14.83
C GLU A 31 -0.53 -4.87 15.28
N GLU A 32 -0.17 -3.85 16.05
CA GLU A 32 -1.16 -2.89 16.51
C GLU A 32 -1.62 -2.02 15.36
N VAL A 33 -0.68 -1.54 14.53
CA VAL A 33 -1.04 -0.71 13.39
C VAL A 33 -1.96 -1.50 12.44
N GLN A 34 -1.59 -2.76 12.18
CA GLN A 34 -2.38 -3.63 11.31
C GLN A 34 -3.79 -3.84 11.87
N ALA A 35 -3.90 -4.08 13.18
CA ALA A 35 -5.21 -4.26 13.80
C ALA A 35 -6.10 -3.05 13.64
N VAL A 36 -5.55 -1.85 13.87
N VAL A 36 -5.54 -1.87 13.85
CA VAL A 36 -6.35 -0.64 13.74
CA VAL A 36 -6.27 -0.61 13.76
C VAL A 36 -6.81 -0.43 12.30
C VAL A 36 -6.75 -0.32 12.33
N LEU A 37 -5.89 -0.61 11.35
CA LEU A 37 -6.24 -0.47 9.92
C LEU A 37 -7.35 -1.45 9.56
N GLU A 38 -7.18 -2.69 9.97
CA GLU A 38 -8.19 -3.73 9.76
C GLU A 38 -9.54 -3.37 10.41
N ALA A 39 -9.51 -2.78 11.62
CA ALA A 39 -10.74 -2.40 12.35
C ALA A 39 -11.54 -1.24 11.71
N TYR A 40 -10.89 -0.37 10.93
CA TYR A 40 -11.66 0.70 10.27
C TYR A 40 -12.56 0.10 9.19
N GLU A 41 -13.87 0.33 9.29
N GLU A 41 -13.87 0.30 9.26
CA GLU A 41 -14.81 -0.13 8.26
CA GLU A 41 -14.73 -0.27 8.23
C GLU A 41 -14.77 0.85 7.11
C GLU A 41 -14.93 0.71 7.10
N SER A 42 -14.38 0.38 5.94
CA SER A 42 -14.34 1.26 4.77
C SER A 42 -15.69 1.96 4.56
N ASN A 43 -15.69 3.28 4.53
CA ASN A 43 -16.90 4.01 4.21
C ASN A 43 -16.59 4.84 2.97
N PRO A 44 -17.12 4.43 1.80
CA PRO A 44 -16.79 5.17 0.59
C PRO A 44 -16.98 6.70 0.62
N ALA A 45 -18.02 7.23 1.28
CA ALA A 45 -18.21 8.69 1.32
C ALA A 45 -17.00 9.42 1.92
N GLU A 46 -16.33 8.76 2.87
CA GLU A 46 -15.20 9.40 3.58
C GLU A 46 -13.93 9.52 2.75
N TRP A 47 -13.76 8.62 1.77
CA TRP A 47 -12.55 8.65 0.95
C TRP A 47 -12.78 8.95 -0.50
N ALA A 48 -14.02 9.24 -0.89
CA ALA A 48 -14.29 9.62 -2.28
C ALA A 48 -13.38 10.74 -2.83
N LEU A 49 -13.09 11.75 -2.00
CA LEU A 49 -12.17 12.84 -2.35
C LEU A 49 -10.83 12.36 -2.92
N TYR A 50 -10.31 11.26 -2.39
CA TYR A 50 -8.99 10.76 -2.77
C TYR A 50 -9.00 9.73 -3.88
N ALA A 51 -10.17 9.25 -4.24
CA ALA A 51 -10.28 8.10 -5.13
C ALA A 51 -10.31 8.59 -6.58
N LYS A 52 -9.19 9.12 -7.03
CA LYS A 52 -9.09 9.69 -8.38
C LYS A 52 -8.41 8.68 -9.26
N PHE A 53 -9.14 8.11 -10.20
CA PHE A 53 -8.59 7.05 -11.09
C PHE A 53 -8.00 7.62 -12.36
N ASP A 54 -7.09 6.85 -12.98
CA ASP A 54 -6.57 7.15 -14.34
C ASP A 54 -6.93 5.96 -15.20
N GLN A 55 -7.25 6.19 -16.48
CA GLN A 55 -7.66 5.07 -17.35
C GLN A 55 -6.59 4.00 -17.57
N TYR A 56 -5.33 4.40 -17.62
CA TYR A 56 -4.28 3.50 -18.10
C TYR A 56 -3.44 2.82 -17.02
N ARG A 57 -3.37 3.41 -15.83
CA ARG A 57 -2.60 2.76 -14.74
C ARG A 57 -3.13 3.14 -13.38
N TYR A 58 -2.67 2.45 -12.35
CA TYR A 58 -3.10 2.79 -10.99
C TYR A 58 -2.53 4.15 -10.54
N THR A 59 -3.25 4.81 -9.64
CA THR A 59 -2.85 6.13 -9.18
C THR A 59 -2.60 6.07 -7.69
N ARG A 60 -1.73 6.97 -7.21
CA ARG A 60 -1.39 7.08 -5.79
C ARG A 60 -1.77 8.48 -5.32
N ASN A 61 -2.59 8.54 -4.27
CA ASN A 61 -3.25 9.76 -3.88
C ASN A 61 -2.97 10.00 -2.41
N LEU A 62 -2.10 10.97 -2.13
CA LEU A 62 -1.70 11.25 -0.74
C LEU A 62 -2.87 11.78 0.09
N VAL A 63 -3.04 11.19 1.28
CA VAL A 63 -4.10 11.48 2.21
C VAL A 63 -3.56 12.23 3.44
N ASP A 64 -2.44 11.75 3.98
CA ASP A 64 -1.86 12.33 5.20
C ASP A 64 -0.34 12.14 5.22
N GLN A 65 0.41 13.16 5.68
CA GLN A 65 1.88 13.03 5.75
C GLN A 65 2.42 12.63 7.08
N GLY A 66 1.52 12.26 7.99
CA GLY A 66 1.87 11.64 9.24
C GLY A 66 2.88 12.40 10.09
N ASN A 67 2.86 13.72 10.02
CA ASN A 67 3.84 14.54 10.74
C ASN A 67 5.25 14.04 10.46
N GLY A 68 5.49 13.62 9.21
CA GLY A 68 6.80 13.12 8.75
C GLY A 68 7.17 11.67 9.06
N LYS A 69 6.35 10.98 9.86
CA LYS A 69 6.65 9.63 10.31
C LYS A 69 6.14 8.56 9.34
N PHE A 70 5.11 8.89 8.59
CA PHE A 70 4.53 7.97 7.61
C PHE A 70 3.84 8.76 6.51
N ASN A 71 3.65 8.16 5.34
CA ASN A 71 2.72 8.67 4.30
C ASN A 71 1.49 7.75 4.32
N LEU A 72 0.29 8.32 4.33
CA LEU A 72 -0.93 7.55 4.18
C LEU A 72 -1.55 7.95 2.85
N MET A 73 -1.81 6.96 2.00
CA MET A 73 -2.24 7.23 0.63
C MET A 73 -3.29 6.24 0.16
N ILE A 74 -4.05 6.64 -0.85
CA ILE A 74 -5.10 5.78 -1.40
C ILE A 74 -4.69 5.48 -2.81
N LEU A 75 -4.65 4.19 -3.13
CA LEU A 75 -4.30 3.76 -4.48
C LEU A 75 -5.55 3.27 -5.22
N CYS A 76 -5.67 3.68 -6.48
CA CYS A 76 -6.85 3.41 -7.25
C CYS A 76 -6.47 2.61 -8.48
N TRP A 77 -7.01 1.39 -8.56
CA TRP A 77 -6.64 0.39 -9.56
C TRP A 77 -7.80 0.14 -10.46
N GLY A 78 -7.67 0.56 -11.71
CA GLY A 78 -8.68 0.23 -12.71
C GLY A 78 -8.65 -1.27 -12.94
N GLU A 79 -9.68 -1.78 -13.60
CA GLU A 79 -9.71 -3.17 -14.07
C GLU A 79 -8.42 -3.56 -14.78
N GLY A 80 -7.76 -4.59 -14.27
CA GLY A 80 -6.59 -5.11 -14.91
C GLY A 80 -5.34 -4.30 -14.60
N HIS A 81 -5.45 -3.27 -13.76
CA HIS A 81 -4.24 -2.49 -13.42
C HIS A 81 -3.41 -3.21 -12.38
N GLY A 82 -2.09 -3.21 -12.54
CA GLY A 82 -1.22 -3.80 -11.50
C GLY A 82 0.10 -3.07 -11.36
N SER A 83 0.89 -3.50 -10.38
CA SER A 83 2.17 -2.91 -10.10
C SER A 83 3.30 -3.76 -10.68
N SER A 84 4.51 -3.20 -10.62
CA SER A 84 5.71 -3.99 -10.81
C SER A 84 5.95 -4.87 -9.59
N ILE A 85 6.87 -5.84 -9.74
CA ILE A 85 7.48 -6.49 -8.58
C ILE A 85 8.40 -5.45 -7.97
N HIS A 86 8.20 -5.16 -6.68
CA HIS A 86 8.95 -4.08 -6.06
C HIS A 86 9.30 -4.32 -4.60
N ASP A 87 10.27 -3.56 -4.11
CA ASP A 87 10.65 -3.60 -2.70
C ASP A 87 10.02 -2.38 -2.05
N HIS A 88 10.35 -2.15 -0.77
CA HIS A 88 9.79 -1.02 -0.01
C HIS A 88 10.78 -0.21 0.77
N THR A 89 12.02 -0.17 0.29
CA THR A 89 12.98 0.89 0.66
C THR A 89 13.18 0.94 2.16
N ASP A 90 13.33 -0.25 2.74
CA ASP A 90 13.59 -0.40 4.18
C ASP A 90 12.47 0.17 5.08
N SER A 91 11.25 0.25 4.53
CA SER A 91 10.11 0.80 5.26
C SER A 91 9.07 -0.27 5.54
N HIS A 92 8.27 -0.03 6.58
CA HIS A 92 7.07 -0.81 6.79
C HIS A 92 6.06 -0.44 5.74
N CYS A 93 5.29 -1.43 5.25
CA CYS A 93 4.26 -1.13 4.28
C CYS A 93 2.97 -1.88 4.64
N PHE A 94 1.90 -1.12 4.92
CA PHE A 94 0.60 -1.71 5.23
C PHE A 94 -0.36 -1.42 4.08
N LEU A 95 -1.13 -2.42 3.70
CA LEU A 95 -2.10 -2.30 2.61
CA LEU A 95 -2.13 -2.18 2.68
C LEU A 95 -3.49 -2.75 3.04
N LYS A 96 -4.47 -1.86 3.10
CA LYS A 96 -5.83 -2.24 3.46
C LYS A 96 -6.77 -2.03 2.30
N LEU A 97 -7.53 -3.06 1.96
CA LEU A 97 -8.53 -2.93 0.90
C LEU A 97 -9.72 -2.12 1.35
N LEU A 98 -10.07 -1.09 0.56
CA LEU A 98 -11.27 -0.29 0.79
C LEU A 98 -12.41 -0.62 -0.17
N GLN A 99 -12.09 -1.18 -1.34
CA GLN A 99 -13.11 -1.54 -2.32
C GLN A 99 -12.51 -2.55 -3.27
N GLY A 100 -13.24 -3.63 -3.56
CA GLY A 100 -12.76 -4.61 -4.54
C GLY A 100 -11.75 -5.56 -3.94
N ASN A 101 -10.97 -6.19 -4.80
CA ASN A 101 -10.01 -7.24 -4.42
C ASN A 101 -8.73 -7.01 -5.19
N LEU A 102 -7.63 -7.39 -4.57
CA LEU A 102 -6.35 -7.33 -5.21
C LEU A 102 -5.65 -8.65 -4.98
N LYS A 103 -4.88 -9.07 -5.97
CA LYS A 103 -4.02 -10.25 -5.82
C LYS A 103 -2.63 -9.78 -5.44
N GLU A 104 -2.08 -10.35 -4.38
CA GLU A 104 -0.73 -10.06 -3.96
C GLU A 104 0.11 -11.29 -4.25
N THR A 105 1.17 -11.12 -5.04
CA THR A 105 2.10 -12.21 -5.32
C THR A 105 3.44 -11.92 -4.63
N LEU A 106 3.94 -12.88 -3.84
CA LEU A 106 5.22 -12.71 -3.14
C LEU A 106 6.37 -13.33 -3.91
N PHE A 107 7.51 -12.64 -3.91
CA PHE A 107 8.73 -13.14 -4.53
C PHE A 107 9.88 -13.03 -3.55
N ASP A 108 10.87 -13.91 -3.69
CA ASP A 108 12.10 -13.80 -2.95
C ASP A 108 13.03 -12.78 -3.61
N TRP A 109 13.87 -12.14 -2.78
CA TRP A 109 14.98 -11.34 -3.30
C TRP A 109 15.77 -12.20 -4.28
N PRO A 110 16.05 -11.66 -5.49
CA PRO A 110 16.80 -12.45 -6.46
C PRO A 110 18.26 -12.66 -6.04
N ASP A 111 18.87 -13.77 -6.42
CA ASP A 111 20.32 -13.92 -6.34
C ASP A 111 20.95 -13.08 -7.45
N LYS A 112 22.25 -12.84 -7.35
CA LYS A 112 22.90 -11.91 -8.28
C LYS A 112 23.03 -12.46 -9.71
N LYS A 113 22.84 -13.78 -9.87
CA LYS A 113 22.80 -14.41 -11.18
C LYS A 113 21.45 -14.15 -11.85
N SER A 114 21.47 -13.91 -13.16
CA SER A 114 20.25 -13.66 -13.94
C SER A 114 19.38 -14.91 -14.04
N ASN A 115 18.23 -14.87 -13.37
CA ASN A 115 17.28 -15.99 -13.35
C ASN A 115 15.84 -15.52 -13.30
N GLU A 116 14.94 -16.33 -13.85
CA GLU A 116 13.50 -16.11 -13.70
C GLU A 116 13.10 -16.05 -12.21
N MET A 117 12.40 -14.99 -11.84
CA MET A 117 11.86 -14.87 -10.49
C MET A 117 10.62 -15.74 -10.35
N ILE A 118 10.70 -16.78 -9.54
CA ILE A 118 9.53 -17.64 -9.38
C ILE A 118 8.74 -17.22 -8.14
N LYS A 119 7.42 -17.13 -8.28
CA LYS A 119 6.49 -16.82 -7.20
C LYS A 119 6.68 -17.72 -5.99
N LYS A 120 6.75 -17.13 -4.80
CA LYS A 120 6.78 -17.89 -3.57
C LYS A 120 5.35 -18.30 -3.16
N SER A 121 4.41 -17.39 -3.35
CA SER A 121 3.00 -17.62 -3.03
C SER A 121 2.14 -16.46 -3.51
N GLU A 122 0.83 -16.62 -3.42
CA GLU A 122 -0.10 -15.55 -3.74
C GLU A 122 -1.32 -15.65 -2.85
N ARG A 123 -1.96 -14.50 -2.63
CA ARG A 123 -3.22 -14.48 -1.94
C ARG A 123 -4.10 -13.37 -2.47
N THR A 124 -5.40 -13.54 -2.23
CA THR A 124 -6.41 -12.60 -2.66
C THR A 124 -6.78 -11.79 -1.45
N LEU A 125 -6.43 -10.50 -1.49
CA LEU A 125 -6.76 -9.62 -0.37
C LEU A 125 -8.17 -9.11 -0.62
N ARG A 126 -9.04 -9.22 0.38
CA ARG A 126 -10.44 -8.84 0.20
C ARG A 126 -10.80 -7.56 0.93
N GLU A 127 -11.94 -6.96 0.57
CA GLU A 127 -12.40 -5.73 1.18
C GLU A 127 -12.25 -5.76 2.71
N ASN A 128 -11.71 -4.67 3.24
CA ASN A 128 -11.36 -4.42 4.65
C ASN A 128 -10.15 -5.15 5.22
N GLN A 129 -9.64 -6.14 4.50
CA GLN A 129 -8.47 -6.91 5.01
C GLN A 129 -7.23 -6.05 4.94
N CYS A 130 -6.31 -6.17 5.90
CA CYS A 130 -5.07 -5.41 5.84
C CYS A 130 -3.84 -6.32 5.83
N ALA A 131 -3.03 -6.21 4.77
CA ALA A 131 -1.78 -6.98 4.64
C ALA A 131 -0.60 -6.12 5.07
N TYR A 132 0.52 -6.79 5.34
CA TYR A 132 1.74 -6.11 5.73
C TYR A 132 2.89 -6.70 4.94
N ILE A 133 3.81 -5.85 4.51
CA ILE A 133 5.06 -6.31 3.90
C ILE A 133 6.23 -5.41 4.29
N ASN A 134 7.42 -6.01 4.39
N ASN A 134 7.40 -6.04 4.31
CA ASN A 134 8.65 -5.26 4.52
CA ASN A 134 8.68 -5.43 4.64
C ASN A 134 9.74 -6.06 3.81
C ASN A 134 9.73 -6.06 3.73
N ASP A 135 10.87 -5.40 3.54
CA ASP A 135 11.95 -6.00 2.72
C ASP A 135 12.46 -7.34 3.28
N SER A 136 12.38 -7.53 4.59
CA SER A 136 12.87 -8.76 5.19
C SER A 136 11.92 -9.92 4.88
N ILE A 137 10.64 -9.63 4.64
CA ILE A 137 9.66 -10.64 4.21
C ILE A 137 9.90 -11.03 2.74
N GLY A 138 10.18 -10.04 1.91
CA GLY A 138 10.37 -10.33 0.49
C GLY A 138 9.88 -9.18 -0.37
N LEU A 139 9.65 -9.49 -1.63
CA LEU A 139 9.19 -8.54 -2.65
C LEU A 139 7.74 -8.89 -2.98
N HIS A 140 7.03 -7.96 -3.62
CA HIS A 140 5.68 -8.30 -4.04
C HIS A 140 5.20 -7.57 -5.24
N ARG A 141 4.17 -8.12 -5.86
CA ARG A 141 3.47 -7.43 -6.95
C ARG A 141 2.03 -7.41 -6.47
N VAL A 142 1.32 -6.33 -6.77
CA VAL A 142 -0.09 -6.16 -6.39
C VAL A 142 -0.87 -5.87 -7.67
N GLU A 143 -1.98 -6.60 -7.88
CA GLU A 143 -2.70 -6.49 -9.16
C GLU A 143 -4.20 -6.53 -8.92
N ASN A 144 -4.93 -5.71 -9.66
CA ASN A 144 -6.36 -5.87 -9.73
C ASN A 144 -6.63 -6.73 -10.99
N VAL A 145 -6.90 -8.00 -10.78
CA VAL A 145 -7.13 -8.92 -11.90
C VAL A 145 -8.59 -8.88 -12.39
N SER A 146 -9.44 -8.14 -11.69
CA SER A 146 -10.85 -8.00 -12.07
C SER A 146 -11.03 -7.37 -13.48
N HIS A 147 -11.94 -7.95 -14.28
CA HIS A 147 -12.38 -7.35 -15.54
C HIS A 147 -13.52 -6.38 -15.36
N THR A 148 -14.16 -6.39 -14.21
CA THR A 148 -15.37 -5.57 -14.00
C THR A 148 -15.38 -4.63 -12.78
N GLU A 149 -14.44 -4.80 -11.86
CA GLU A 149 -14.46 -4.00 -10.63
C GLU A 149 -13.15 -3.24 -10.38
N PRO A 150 -13.21 -1.89 -10.35
CA PRO A 150 -12.09 -1.11 -9.83
C PRO A 150 -11.79 -1.50 -8.38
N ALA A 151 -10.53 -1.38 -7.96
CA ALA A 151 -10.17 -1.65 -6.56
C ALA A 151 -9.62 -0.36 -5.96
N VAL A 152 -9.85 -0.16 -4.67
CA VAL A 152 -9.30 1.00 -3.96
C VAL A 152 -8.61 0.47 -2.71
N SER A 153 -7.33 0.84 -2.52
CA SER A 153 -6.62 0.39 -1.33
C SER A 153 -6.04 1.58 -0.57
N LEU A 154 -5.88 1.41 0.73
CA LEU A 154 -5.29 2.40 1.63
C LEU A 154 -3.94 1.86 2.09
N HIS A 155 -2.88 2.61 1.82
CA HIS A 155 -1.49 2.21 2.06
C HIS A 155 -0.84 3.13 3.06
N LEU A 156 -0.09 2.55 4.00
CA LEU A 156 0.69 3.33 4.96
C LEU A 156 2.14 2.85 4.89
N TYR A 157 3.06 3.80 4.71
CA TYR A 157 4.49 3.50 4.64
C TYR A 157 5.22 4.29 5.69
N SER A 158 6.07 3.63 6.48
CA SER A 158 6.84 4.33 7.50
C SER A 158 8.25 3.74 7.58
N PRO A 159 9.31 4.59 7.47
CA PRO A 159 9.24 6.03 7.15
C PRO A 159 8.68 6.23 5.72
N PRO A 160 8.30 7.46 5.37
CA PRO A 160 7.89 7.72 4.00
C PRO A 160 9.05 7.45 3.05
N PHE A 161 8.75 7.06 1.82
CA PHE A 161 9.77 6.96 0.79
C PHE A 161 9.14 7.34 -0.53
N ASP A 162 9.91 7.92 -1.44
CA ASP A 162 9.34 8.17 -2.75
C ASP A 162 10.13 7.53 -3.87
N THR A 163 11.11 6.67 -3.51
CA THR A 163 11.76 5.85 -4.52
C THR A 163 11.81 4.39 -4.07
N CYS A 164 11.88 3.49 -5.04
CA CYS A 164 12.01 2.05 -4.76
C CYS A 164 12.59 1.36 -5.99
N HIS A 165 12.62 0.03 -5.98
CA HIS A 165 13.11 -0.75 -7.12
C HIS A 165 12.03 -1.55 -7.73
N ALA A 166 12.05 -1.61 -9.06
CA ALA A 166 11.22 -2.52 -9.82
C ALA A 166 12.11 -3.68 -10.28
N PHE A 167 11.58 -4.90 -10.24
CA PHE A 167 12.35 -6.10 -10.58
C PHE A 167 11.82 -6.73 -11.85
N ASP A 168 12.72 -7.05 -12.78
CA ASP A 168 12.35 -7.72 -14.03
C ASP A 168 12.11 -9.19 -13.72
N GLN A 169 10.86 -9.62 -13.87
CA GLN A 169 10.48 -11.00 -13.55
C GLN A 169 11.28 -12.10 -14.28
N ARG A 170 11.83 -11.74 -15.44
CA ARG A 170 12.57 -12.69 -16.30
C ARG A 170 14.01 -12.89 -15.84
N THR A 171 14.58 -11.87 -15.20
CA THR A 171 16.01 -11.91 -14.84
C THR A 171 16.31 -11.66 -13.35
N GLY A 172 15.39 -10.99 -12.65
CA GLY A 172 15.69 -10.50 -11.30
C GLY A 172 16.48 -9.20 -11.24
N HIS A 173 16.74 -8.59 -12.41
N HIS A 173 16.77 -8.60 -12.40
CA HIS A 173 17.41 -7.28 -12.51
CA HIS A 173 17.49 -7.32 -12.43
C HIS A 173 16.53 -6.21 -11.94
C HIS A 173 16.60 -6.18 -12.02
N LYS A 174 17.13 -5.28 -11.21
CA LYS A 174 16.35 -4.19 -10.65
C LYS A 174 16.69 -2.84 -11.25
N ASN A 175 15.70 -1.96 -11.26
CA ASN A 175 15.87 -0.57 -11.67
C ASN A 175 15.24 0.34 -10.63
N LYS A 176 15.90 1.47 -10.38
CA LYS A 176 15.39 2.47 -9.46
C LYS A 176 14.22 3.21 -10.13
N VAL A 177 13.17 3.46 -9.36
CA VAL A 177 11.95 4.07 -9.85
C VAL A 177 11.59 5.20 -8.89
N THR A 178 11.21 6.36 -9.43
CA THR A 178 10.68 7.43 -8.58
C THR A 178 9.18 7.33 -8.58
N MET A 179 8.60 7.34 -7.40
CA MET A 179 7.17 7.23 -7.29
C MET A 179 6.59 8.64 -7.24
N THR A 180 5.49 8.84 -7.94
CA THR A 180 4.86 10.16 -7.93
C THR A 180 3.45 10.07 -7.39
N PHE A 181 2.97 11.20 -6.88
CA PHE A 181 1.59 11.31 -6.42
C PHE A 181 0.71 11.91 -7.49
N HIS A 182 -0.41 11.24 -7.75
CA HIS A 182 -1.45 11.71 -8.67
C HIS A 182 -2.19 12.88 -8.07
N SER A 183 -2.39 12.84 -6.76
CA SER A 183 -3.09 13.91 -6.05
C SER A 183 -2.54 14.01 -4.65
N LYS A 184 -2.72 15.17 -4.03
CA LYS A 184 -2.33 15.33 -2.63
C LYS A 184 -3.44 16.11 -1.95
N PHE A 185 -3.95 15.56 -0.86
CA PHE A 185 -5.04 16.14 -0.08
C PHE A 185 -6.28 16.46 -0.92
N GLY A 186 -6.55 15.57 -1.87
CA GLY A 186 -7.71 15.70 -2.75
C GLY A 186 -7.53 16.62 -3.93
N ILE A 187 -6.32 17.20 -4.05
CA ILE A 187 -5.99 18.12 -5.15
C ILE A 187 -5.11 17.45 -6.20
N ARG A 188 -5.57 17.43 -7.46
CA ARG A 188 -4.77 16.84 -8.53
C ARG A 188 -3.42 17.58 -8.63
N THR A 189 -2.33 16.82 -8.67
CA THR A 189 -0.99 17.44 -8.73
C THR A 189 -0.27 16.88 -9.94
N PRO A 190 -0.48 17.54 -11.12
CA PRO A 190 0.00 17.09 -12.44
C PRO A 190 1.51 16.97 -12.56
FE FE2 B . 4.14 -2.68 -2.47
N CSS C . 3.88 -0.09 -2.63
CA CSS C . 3.31 0.22 -3.93
CB CSS C . 1.91 -0.35 -4.09
SG CSS C . 1.89 -2.07 -3.68
SD CSS C . 2.15 -1.95 -1.69
C CSS C . 3.22 1.69 -4.06
O CSS C . 3.27 2.38 -3.00
OXT CSS C . 3.10 2.18 -5.19
#